data_1V5Z
#
_entry.id   1V5Z
#
_cell.length_a   101.60
_cell.length_b   63.30
_cell.length_c   74.40
_cell.angle_alpha   90.00
_cell.angle_beta   100.00
_cell.angle_gamma   90.00
#
_symmetry.space_group_name_H-M   'C 1 2 1'
#
loop_
_entity.id
_entity.type
_entity.pdbx_description
1 polymer 'Major NAD(P)H-flavin oxidoreductase'
2 non-polymer 'FLAVIN MONONUCLEOTIDE'
3 non-polymer '(2E)-3-(2-HYDROXYPHENYL)ACRYLIC ACID'
4 water water
#
_entity_poly.entity_id   1
_entity_poly.type   'polypeptide(L)'
_entity_poly.pdbx_seq_one_letter_code
;THPIIHDLENRYTSKKYDPSKKVSQEDLAVLLEALRLSASSINSQPWKFIVIESDAAKQRMHDSFANMHQFNQPHIKACS
HVILFANKLSYTRDDYDVVLSKAVADKRITEEQKEAAFASFKFVELNCDENGEHKAWTKPQAYLALGNALHTLARLNIDS
TTMEGIDPELLSEIFADELKGYECHVALAIGYHHPSEDYNASLPKSRKAFEDVITIL
;
_entity_poly.pdbx_strand_id   A,B
#
loop_
_chem_comp.id
_chem_comp.type
_chem_comp.name
_chem_comp.formula
2HC non-polymer '(2E)-3-(2-HYDROXYPHENYL)ACRYLIC ACID' 'C9 H8 O3'
FMN non-polymer 'FLAVIN MONONUCLEOTIDE' 'C17 H21 N4 O9 P'
#
# COMPACT_ATOMS: atom_id res chain seq x y z
N THR A 1 14.75 20.51 -6.02
CA THR A 1 13.63 19.55 -6.31
C THR A 1 12.60 19.59 -5.20
N HIS A 2 11.34 19.37 -5.54
CA HIS A 2 10.28 19.36 -4.53
C HIS A 2 10.64 18.25 -3.53
N PRO A 3 10.57 18.52 -2.23
CA PRO A 3 10.91 17.52 -1.21
C PRO A 3 10.30 16.12 -1.42
N ILE A 4 9.00 16.06 -1.75
CA ILE A 4 8.33 14.76 -1.94
C ILE A 4 8.87 13.99 -3.14
N ILE A 5 9.06 14.67 -4.25
CA ILE A 5 9.58 14.04 -5.45
C ILE A 5 11.03 13.60 -5.23
N HIS A 6 11.80 14.44 -4.55
CA HIS A 6 13.18 14.08 -4.29
C HIS A 6 13.27 12.75 -3.51
N ASP A 7 12.43 12.61 -2.49
CA ASP A 7 12.43 11.41 -1.69
C ASP A 7 12.09 10.18 -2.49
N LEU A 8 11.03 10.26 -3.27
CA LEU A 8 10.59 9.13 -4.08
C LEU A 8 11.50 8.81 -5.28
N GLU A 9 12.23 9.82 -5.77
CA GLU A 9 13.17 9.59 -6.86
C GLU A 9 14.46 9.02 -6.26
N ASN A 10 14.79 9.37 -5.03
CA ASN A 10 16.03 8.87 -4.46
C ASN A 10 15.99 7.52 -3.73
N ARG A 11 14.79 7.05 -3.38
CA ARG A 11 14.64 5.75 -2.74
C ARG A 11 14.73 4.72 -3.87
N TYR A 12 15.22 3.52 -3.56
CA TYR A 12 15.37 2.46 -4.54
C TYR A 12 15.48 1.13 -3.82
N THR A 13 15.54 0.04 -4.59
CA THR A 13 15.65 -1.28 -4.00
C THR A 13 17.12 -1.65 -3.85
N SER A 14 17.58 -1.70 -2.62
CA SER A 14 18.98 -2.05 -2.36
C SER A 14 19.21 -3.52 -2.70
N LYS A 15 20.33 -3.81 -3.35
CA LYS A 15 20.70 -5.16 -3.75
C LYS A 15 21.92 -5.72 -2.99
N LYS A 16 22.35 -5.03 -1.94
CA LYS A 16 23.50 -5.46 -1.12
C LYS A 16 23.65 -4.54 0.09
N TYR A 17 23.69 -5.14 1.28
CA TYR A 17 23.84 -4.36 2.51
C TYR A 17 25.23 -4.32 3.16
N ASP A 18 25.42 -3.29 3.97
CA ASP A 18 26.65 -3.06 4.74
C ASP A 18 26.33 -3.65 6.14
N PRO A 19 26.99 -4.76 6.50
CA PRO A 19 26.83 -5.48 7.79
C PRO A 19 27.24 -4.70 9.03
N SER A 20 28.01 -3.64 8.84
CA SER A 20 28.51 -2.86 9.96
C SER A 20 27.62 -1.72 10.42
N LYS A 21 26.53 -1.48 9.69
CA LYS A 21 25.65 -0.38 10.02
C LYS A 21 24.24 -0.85 10.35
N LYS A 22 23.77 -0.39 11.51
CA LYS A 22 22.44 -0.74 11.96
C LYS A 22 21.55 0.49 12.04
N VAL A 23 20.24 0.27 12.01
CA VAL A 23 19.26 1.32 12.13
C VAL A 23 19.18 1.66 13.63
N SER A 24 19.21 2.95 13.96
CA SER A 24 19.13 3.36 15.34
C SER A 24 17.77 3.06 15.92
N GLN A 25 17.70 2.93 17.24
CA GLN A 25 16.43 2.63 17.87
C GLN A 25 15.49 3.80 17.77
N GLU A 26 16.03 5.01 17.62
CA GLU A 26 15.16 6.17 17.48
C GLU A 26 14.43 6.16 16.12
N ASP A 27 15.15 5.80 15.06
CA ASP A 27 14.56 5.72 13.72
C ASP A 27 13.60 4.52 13.64
N LEU A 28 13.96 3.41 14.28
CA LEU A 28 13.12 2.21 14.28
C LEU A 28 11.77 2.49 14.92
N ALA A 29 11.76 3.29 15.98
CA ALA A 29 10.52 3.61 16.68
C ALA A 29 9.59 4.47 15.84
N VAL A 30 10.16 5.38 15.04
CA VAL A 30 9.38 6.26 14.17
C VAL A 30 8.73 5.41 13.07
N LEU A 31 9.50 4.51 12.49
CA LEU A 31 9.00 3.60 11.47
C LEU A 31 7.89 2.67 11.98
N LEU A 32 8.04 2.13 13.18
CA LEU A 32 7.04 1.23 13.75
C LEU A 32 5.76 1.94 14.09
N GLU A 33 5.90 3.16 14.60
CA GLU A 33 4.74 3.96 14.92
C GLU A 33 4.03 4.39 13.61
N ALA A 34 4.81 4.67 12.56
CA ALA A 34 4.26 5.05 11.26
C ALA A 34 3.44 3.86 10.69
N LEU A 35 3.94 2.64 10.89
CA LEU A 35 3.22 1.46 10.43
C LEU A 35 1.92 1.33 11.21
N ARG A 36 1.99 1.59 12.52
CA ARG A 36 0.81 1.47 13.37
C ARG A 36 -0.29 2.46 12.99
N LEU A 37 0.11 3.64 12.53
CA LEU A 37 -0.84 4.68 12.15
C LEU A 37 -1.43 4.52 10.74
N SER A 38 -1.04 3.47 10.03
CA SER A 38 -1.56 3.19 8.68
C SER A 38 -3.08 3.05 8.66
N ALA A 39 -3.71 3.56 7.59
CA ALA A 39 -5.17 3.48 7.43
C ALA A 39 -5.57 2.12 6.87
N SER A 40 -6.79 1.68 7.17
CA SER A 40 -7.32 0.41 6.68
C SER A 40 -8.84 0.49 6.65
N SER A 41 -9.48 -0.38 5.86
CA SER A 41 -10.94 -0.39 5.74
C SER A 41 -11.55 -0.60 7.09
N ILE A 42 -12.53 0.25 7.41
CA ILE A 42 -13.26 0.28 8.70
C ILE A 42 -12.35 0.31 9.98
N ASN A 43 -11.07 0.64 9.77
CA ASN A 43 -10.07 0.69 10.84
C ASN A 43 -9.88 -0.71 11.41
N SER A 44 -9.98 -1.70 10.52
CA SER A 44 -9.85 -3.11 10.88
C SER A 44 -8.45 -3.48 11.32
N GLN A 45 -7.44 -2.83 10.74
CA GLN A 45 -6.04 -3.11 11.05
C GLN A 45 -5.82 -4.63 11.11
N PRO A 46 -6.17 -5.35 10.02
CA PRO A 46 -6.05 -6.80 9.93
C PRO A 46 -4.63 -7.24 9.67
N TRP A 47 -3.72 -6.75 10.50
CA TRP A 47 -2.32 -7.06 10.28
C TRP A 47 -1.52 -7.24 11.55
N LYS A 48 -0.30 -7.68 11.36
CA LYS A 48 0.65 -7.84 12.44
C LYS A 48 2.01 -7.61 11.78
N PHE A 49 2.88 -6.83 12.43
CA PHE A 49 4.19 -6.56 11.91
C PHE A 49 5.23 -7.22 12.81
N ILE A 50 5.94 -8.19 12.29
CA ILE A 50 6.94 -8.92 13.03
C ILE A 50 8.34 -8.44 12.68
N VAL A 51 9.01 -7.83 13.66
CA VAL A 51 10.37 -7.30 13.48
C VAL A 51 11.41 -8.33 13.88
N ILE A 52 12.22 -8.72 12.92
CA ILE A 52 13.28 -9.70 13.10
C ILE A 52 14.48 -8.87 13.45
N GLU A 53 14.79 -8.81 14.74
CA GLU A 53 15.93 -8.00 15.19
C GLU A 53 17.14 -8.77 15.73
N SER A 54 16.90 -9.69 16.66
CA SER A 54 17.98 -10.47 17.26
C SER A 54 18.69 -11.40 16.31
N ASP A 55 19.88 -11.82 16.70
CA ASP A 55 20.65 -12.75 15.88
C ASP A 55 19.93 -14.08 15.73
N ALA A 56 19.22 -14.48 16.79
CA ALA A 56 18.46 -15.73 16.82
C ALA A 56 17.33 -15.65 15.81
N ALA A 57 16.66 -14.50 15.78
CA ALA A 57 15.58 -14.26 14.85
C ALA A 57 16.10 -14.19 13.41
N LYS A 58 17.26 -13.58 13.22
CA LYS A 58 17.88 -13.49 11.90
C LYS A 58 18.19 -14.88 11.35
N GLN A 59 18.61 -15.77 12.24
CA GLN A 59 18.93 -17.13 11.86
C GLN A 59 17.67 -17.83 11.38
N ARG A 60 16.59 -17.67 12.13
CA ARG A 60 15.30 -18.27 11.80
C ARG A 60 14.81 -17.78 10.44
N MET A 61 14.98 -16.48 10.20
CA MET A 61 14.56 -15.87 8.93
C MET A 61 15.47 -16.39 7.80
N HIS A 62 16.76 -16.50 8.11
CA HIS A 62 17.72 -17.01 7.16
C HIS A 62 17.34 -18.45 6.71
N ASP A 63 16.84 -19.24 7.65
CA ASP A 63 16.45 -20.61 7.38
C ASP A 63 15.20 -20.77 6.53
N SER A 64 14.37 -19.74 6.42
CA SER A 64 13.16 -19.84 5.60
C SER A 64 13.41 -19.79 4.08
N PHE A 65 14.69 -19.67 3.67
CA PHE A 65 15.07 -19.61 2.25
C PHE A 65 15.73 -20.90 1.80
N ALA A 66 15.61 -21.95 2.61
CA ALA A 66 16.21 -23.24 2.30
C ALA A 66 15.71 -23.85 0.99
N ASN A 67 14.42 -23.63 0.68
CA ASN A 67 13.81 -24.19 -0.52
C ASN A 67 13.75 -23.30 -1.76
N MET A 68 13.40 -22.02 -1.57
CA MET A 68 13.25 -21.14 -2.72
C MET A 68 13.69 -19.71 -2.49
N HIS A 69 13.86 -19.01 -3.60
CA HIS A 69 14.24 -17.60 -3.63
C HIS A 69 15.51 -17.27 -2.86
N GLN A 70 16.53 -18.09 -3.08
CA GLN A 70 17.81 -17.89 -2.42
C GLN A 70 18.55 -16.63 -2.84
N PHE A 71 18.02 -15.92 -3.84
CA PHE A 71 18.63 -14.68 -4.30
C PHE A 71 18.39 -13.58 -3.26
N ASN A 72 17.36 -13.77 -2.42
CA ASN A 72 17.02 -12.83 -1.37
C ASN A 72 17.68 -13.18 -0.04
N GLN A 73 18.22 -14.39 0.05
CA GLN A 73 18.80 -14.85 1.31
C GLN A 73 19.96 -14.07 1.95
N PRO A 74 20.95 -13.65 1.15
CA PRO A 74 22.10 -12.91 1.68
C PRO A 74 21.80 -11.63 2.46
N HIS A 75 20.66 -11.01 2.17
CA HIS A 75 20.25 -9.77 2.82
C HIS A 75 19.88 -9.95 4.29
N ILE A 76 19.35 -11.13 4.63
CA ILE A 76 18.86 -11.38 5.98
C ILE A 76 19.86 -11.10 7.09
N LYS A 77 21.05 -11.68 6.97
CA LYS A 77 22.06 -11.46 8.00
C LYS A 77 22.84 -10.17 7.81
N ALA A 78 22.96 -9.71 6.56
CA ALA A 78 23.67 -8.49 6.26
C ALA A 78 22.96 -7.17 6.65
N CYS A 79 21.65 -7.11 6.48
CA CYS A 79 20.88 -5.90 6.76
C CYS A 79 20.71 -5.69 8.27
N SER A 80 20.05 -4.59 8.64
CA SER A 80 19.80 -4.26 10.03
C SER A 80 18.62 -5.04 10.68
N HIS A 81 17.42 -4.90 10.12
CA HIS A 81 16.22 -5.59 10.62
C HIS A 81 15.40 -6.05 9.42
N VAL A 82 14.54 -7.04 9.62
CA VAL A 82 13.64 -7.52 8.57
C VAL A 82 12.27 -7.38 9.20
N ILE A 83 11.30 -6.88 8.45
CA ILE A 83 9.94 -6.75 8.97
C ILE A 83 9.03 -7.62 8.12
N LEU A 84 8.20 -8.43 8.76
CA LEU A 84 7.29 -9.31 8.05
C LEU A 84 5.94 -8.62 8.10
N PHE A 85 5.27 -8.52 6.95
CA PHE A 85 3.95 -7.88 6.89
C PHE A 85 2.95 -9.01 6.83
N ALA A 86 2.33 -9.29 7.96
CA ALA A 86 1.38 -10.38 8.08
C ALA A 86 -0.06 -9.91 7.98
N ASN A 87 -0.90 -10.67 7.26
CA ASN A 87 -2.31 -10.33 7.12
C ASN A 87 -3.14 -11.47 7.67
N LYS A 88 -4.20 -11.13 8.40
CA LYS A 88 -5.06 -12.11 9.05
C LYS A 88 -5.85 -12.97 8.07
N LEU A 89 -5.88 -14.27 8.35
CA LEU A 89 -6.60 -15.25 7.53
C LEU A 89 -8.09 -15.02 7.50
N SER A 90 -8.68 -14.81 8.67
CA SER A 90 -10.11 -14.54 8.74
C SER A 90 -10.36 -13.45 9.77
N TYR A 91 -11.29 -12.54 9.48
CA TYR A 91 -11.62 -11.42 10.35
C TYR A 91 -13.03 -11.54 10.94
N THR A 92 -13.10 -11.55 12.27
CA THR A 92 -14.37 -11.73 12.99
C THR A 92 -14.80 -10.57 13.92
N ARG A 93 -15.98 -10.73 14.53
CA ARG A 93 -16.53 -9.72 15.42
C ARG A 93 -15.64 -9.53 16.62
N ASP A 94 -15.06 -10.62 17.07
CA ASP A 94 -14.15 -10.61 18.20
C ASP A 94 -12.95 -9.76 17.84
N ASP A 95 -12.57 -9.81 16.57
CA ASP A 95 -11.45 -9.04 16.06
C ASP A 95 -11.85 -7.58 16.08
N TYR A 96 -13.04 -7.30 15.57
CA TYR A 96 -13.51 -5.92 15.53
C TYR A 96 -13.78 -5.36 16.94
N ASP A 97 -14.13 -6.23 17.86
CA ASP A 97 -14.39 -5.82 19.23
C ASP A 97 -13.16 -5.11 19.76
N VAL A 98 -11.98 -5.66 19.46
CA VAL A 98 -10.70 -5.10 19.91
C VAL A 98 -10.46 -3.68 19.42
N VAL A 99 -10.84 -3.43 18.16
CA VAL A 99 -10.68 -2.12 17.54
C VAL A 99 -11.64 -1.15 18.21
N LEU A 100 -12.89 -1.56 18.29
CA LEU A 100 -13.93 -0.73 18.89
C LEU A 100 -13.69 -0.41 20.37
N SER A 101 -13.10 -1.35 21.11
CA SER A 101 -12.80 -1.18 22.54
C SER A 101 -11.66 -0.20 22.74
N LYS A 102 -10.69 -0.23 21.84
CA LYS A 102 -9.55 0.68 21.90
C LYS A 102 -10.02 2.08 21.48
N ALA A 103 -11.04 2.14 20.62
CA ALA A 103 -11.61 3.40 20.14
C ALA A 103 -12.22 4.17 21.31
N VAL A 104 -12.88 3.43 22.20
CA VAL A 104 -13.50 4.02 23.38
C VAL A 104 -12.42 4.50 24.35
N ALA A 105 -11.34 3.73 24.46
CA ALA A 105 -10.23 4.10 25.35
C ALA A 105 -9.54 5.35 24.82
N ASP A 106 -9.44 5.45 23.48
CA ASP A 106 -8.82 6.59 22.80
C ASP A 106 -9.75 7.79 22.84
N LYS A 107 -10.97 7.53 23.29
CA LYS A 107 -12.01 8.53 23.44
C LYS A 107 -12.63 8.86 22.10
N ARG A 108 -12.18 8.19 21.05
CA ARG A 108 -12.72 8.44 19.73
C ARG A 108 -14.26 8.25 19.73
N ILE A 109 -14.72 7.20 20.42
CA ILE A 109 -16.17 6.89 20.57
C ILE A 109 -16.49 6.69 22.05
N THR A 110 -17.75 6.96 22.42
CA THR A 110 -18.20 6.79 23.80
C THR A 110 -18.74 5.36 23.99
N GLU A 111 -18.55 4.81 25.19
CA GLU A 111 -18.98 3.45 25.53
C GLU A 111 -20.34 3.03 24.96
N GLU A 112 -21.27 3.98 24.92
CA GLU A 112 -22.59 3.72 24.43
C GLU A 112 -22.67 3.40 22.94
N GLN A 113 -21.83 4.04 22.13
CA GLN A 113 -21.88 3.79 20.70
C GLN A 113 -21.07 2.61 20.20
N LYS A 114 -20.34 1.93 21.08
CA LYS A 114 -19.57 0.77 20.64
C LYS A 114 -20.48 -0.13 19.83
N GLU A 115 -21.61 -0.48 20.43
CA GLU A 115 -22.59 -1.36 19.82
C GLU A 115 -23.13 -0.91 18.46
N ALA A 116 -23.29 0.40 18.27
CA ALA A 116 -23.79 0.94 17.00
C ALA A 116 -22.68 1.10 15.96
N ALA A 117 -21.44 1.13 16.43
CA ALA A 117 -20.27 1.26 15.56
C ALA A 117 -19.99 -0.07 14.89
N PHE A 118 -20.54 -1.14 15.44
CA PHE A 118 -20.38 -2.48 14.88
C PHE A 118 -21.10 -2.59 13.54
N ALA A 119 -21.91 -1.57 13.24
CA ALA A 119 -22.64 -1.51 11.98
C ALA A 119 -21.68 -1.56 10.80
N SER A 120 -20.49 -0.97 10.97
CA SER A 120 -19.44 -0.94 9.95
C SER A 120 -18.92 -2.33 9.62
N PHE A 121 -19.22 -3.30 10.48
CA PHE A 121 -18.77 -4.68 10.29
C PHE A 121 -19.39 -5.40 9.10
N LYS A 122 -20.59 -5.00 8.70
CA LYS A 122 -21.28 -5.61 7.56
C LYS A 122 -20.41 -5.55 6.30
N PHE A 123 -19.49 -4.59 6.26
CA PHE A 123 -18.57 -4.41 5.12
C PHE A 123 -17.49 -5.48 5.08
N VAL A 124 -17.31 -6.18 6.20
CA VAL A 124 -16.32 -7.26 6.31
C VAL A 124 -16.93 -8.59 5.86
N GLU A 125 -18.14 -8.89 6.32
CA GLU A 125 -18.82 -10.13 5.94
C GLU A 125 -19.15 -10.09 4.44
N LEU A 126 -19.19 -8.86 3.93
CA LEU A 126 -19.43 -8.58 2.52
C LEU A 126 -18.18 -9.01 1.72
N ASN A 127 -17.16 -9.45 2.45
CA ASN A 127 -15.89 -9.91 1.89
C ASN A 127 -15.48 -11.28 2.43
N CYS A 128 -16.48 -12.01 2.92
CA CYS A 128 -16.31 -13.35 3.50
C CYS A 128 -16.20 -14.47 2.45
N ASP A 129 -15.12 -15.25 2.51
CA ASP A 129 -14.87 -16.36 1.59
C ASP A 129 -15.90 -17.44 1.82
N GLU A 130 -15.93 -18.39 0.88
CA GLU A 130 -16.81 -19.54 1.00
C GLU A 130 -16.19 -20.39 2.10
N ASN A 131 -14.87 -20.24 2.26
CA ASN A 131 -14.10 -20.94 3.29
C ASN A 131 -14.21 -20.14 4.59
N GLY A 132 -14.93 -19.02 4.54
CA GLY A 132 -15.09 -18.16 5.70
C GLY A 132 -13.84 -17.34 5.97
N GLU A 133 -12.94 -17.29 5.00
CA GLU A 133 -11.70 -16.53 5.12
C GLU A 133 -11.81 -15.14 4.49
N HIS A 134 -10.97 -14.22 4.92
CA HIS A 134 -11.03 -12.86 4.41
C HIS A 134 -9.70 -12.40 3.86
N LYS A 135 -8.75 -13.32 3.79
CA LYS A 135 -7.40 -13.00 3.33
C LYS A 135 -7.26 -12.29 1.98
N ALA A 136 -8.28 -12.41 1.13
CA ALA A 136 -8.25 -11.76 -0.18
C ALA A 136 -8.50 -10.26 -0.01
N TRP A 137 -9.11 -9.92 1.12
CA TRP A 137 -9.43 -8.55 1.50
C TRP A 137 -8.38 -7.97 2.48
N THR A 138 -7.77 -8.83 3.31
CA THR A 138 -6.79 -8.37 4.29
C THR A 138 -5.40 -8.15 3.71
N LYS A 139 -5.00 -9.01 2.78
CA LYS A 139 -3.68 -8.89 2.15
C LYS A 139 -3.47 -7.50 1.52
N PRO A 140 -4.48 -6.94 0.79
CA PRO A 140 -4.31 -5.61 0.20
C PRO A 140 -4.11 -4.50 1.27
N GLN A 141 -4.72 -4.64 2.45
CA GLN A 141 -4.58 -3.67 3.55
C GLN A 141 -3.13 -3.64 4.01
N ALA A 142 -2.50 -4.82 4.07
CA ALA A 142 -1.11 -4.99 4.47
C ALA A 142 -0.19 -4.31 3.48
N TYR A 143 -0.54 -4.38 2.19
CA TYR A 143 0.24 -3.75 1.13
C TYR A 143 0.13 -2.24 1.22
N LEU A 144 -0.98 -1.74 1.74
CA LEU A 144 -1.15 -0.32 1.91
C LEU A 144 -0.15 0.14 3.00
N ALA A 145 -0.05 -0.65 4.07
CA ALA A 145 0.87 -0.34 5.16
C ALA A 145 2.30 -0.36 4.63
N LEU A 146 2.56 -1.28 3.69
CA LEU A 146 3.88 -1.42 3.07
C LEU A 146 4.22 -0.18 2.24
N GLY A 147 3.22 0.34 1.50
CA GLY A 147 3.41 1.53 0.70
C GLY A 147 3.71 2.72 1.60
N ASN A 148 3.09 2.71 2.77
CA ASN A 148 3.28 3.75 3.78
C ASN A 148 4.73 3.64 4.32
N ALA A 149 5.14 2.42 4.62
CA ALA A 149 6.48 2.15 5.13
C ALA A 149 7.58 2.59 4.18
N LEU A 150 7.40 2.34 2.90
CA LEU A 150 8.41 2.70 1.91
C LEU A 150 8.59 4.21 1.82
N HIS A 151 7.49 4.95 1.91
CA HIS A 151 7.55 6.41 1.85
C HIS A 151 8.24 6.89 3.15
N THR A 152 7.91 6.27 4.27
CA THR A 152 8.50 6.62 5.57
C THR A 152 10.01 6.44 5.57
N LEU A 153 10.47 5.33 5.03
CA LEU A 153 11.89 5.02 4.95
C LEU A 153 12.64 5.99 4.04
N ALA A 154 11.96 6.46 3.00
CA ALA A 154 12.59 7.40 2.08
C ALA A 154 12.82 8.71 2.85
N ARG A 155 11.89 9.06 3.74
CA ARG A 155 12.04 10.28 4.53
C ARG A 155 13.14 10.22 5.59
N LEU A 156 13.40 9.01 6.10
CA LEU A 156 14.41 8.79 7.14
C LEU A 156 15.78 8.49 6.56
N ASN A 157 15.82 8.35 5.23
CA ASN A 157 17.07 8.03 4.53
C ASN A 157 17.70 6.71 4.95
N ILE A 158 16.85 5.69 5.05
CA ILE A 158 17.26 4.33 5.38
C ILE A 158 16.99 3.48 4.13
N ASP A 159 17.94 2.63 3.76
CA ASP A 159 17.82 1.75 2.61
C ASP A 159 16.94 0.53 2.91
N SER A 160 16.31 -0.03 1.88
CA SER A 160 15.42 -1.19 2.08
C SER A 160 15.29 -2.06 0.84
N THR A 161 14.78 -3.28 1.05
CA THR A 161 14.57 -4.25 -0.01
C THR A 161 13.24 -4.96 0.27
N THR A 162 12.24 -4.68 -0.56
CA THR A 162 10.93 -5.32 -0.43
C THR A 162 11.12 -6.72 -0.97
N MET A 163 10.50 -7.70 -0.32
CA MET A 163 10.67 -9.07 -0.75
C MET A 163 9.41 -9.91 -0.82
N GLU A 164 9.03 -10.29 -2.02
CA GLU A 164 7.88 -11.16 -2.24
C GLU A 164 8.48 -12.53 -2.54
N GLY A 165 9.79 -12.56 -2.77
CA GLY A 165 10.49 -13.80 -3.04
C GLY A 165 10.86 -14.44 -1.71
N ILE A 166 9.83 -14.86 -0.98
CA ILE A 166 9.93 -15.52 0.32
C ILE A 166 9.08 -16.80 0.28
N ASP A 167 9.17 -17.61 1.33
CA ASP A 167 8.45 -18.89 1.40
C ASP A 167 7.40 -18.81 2.51
N PRO A 168 6.13 -18.47 2.16
CA PRO A 168 5.04 -18.36 3.13
C PRO A 168 4.78 -19.63 3.92
N GLU A 169 5.00 -20.78 3.29
CA GLU A 169 4.79 -22.08 3.92
C GLU A 169 5.86 -22.29 4.97
N LEU A 170 7.13 -22.20 4.57
CA LEU A 170 8.21 -22.35 5.52
C LEU A 170 8.20 -21.26 6.62
N LEU A 171 7.78 -20.04 6.28
CA LEU A 171 7.70 -18.96 7.26
C LEU A 171 6.70 -19.30 8.34
N SER A 172 5.60 -19.95 7.95
CA SER A 172 4.54 -20.36 8.87
C SER A 172 4.93 -21.46 9.86
N GLU A 173 5.93 -22.27 9.46
CA GLU A 173 6.46 -23.35 10.28
C GLU A 173 7.50 -22.78 11.24
N ILE A 174 8.38 -21.95 10.71
CA ILE A 174 9.45 -21.31 11.50
C ILE A 174 8.94 -20.29 12.52
N PHE A 175 7.96 -19.48 12.14
CA PHE A 175 7.39 -18.49 13.05
C PHE A 175 5.98 -18.95 13.37
N ALA A 176 5.92 -20.22 13.76
CA ALA A 176 4.68 -20.92 14.07
C ALA A 176 3.69 -20.22 14.95
N ASP A 177 4.14 -19.75 16.12
CA ASP A 177 3.22 -19.11 17.03
C ASP A 177 2.93 -17.66 16.68
N GLU A 178 3.91 -17.01 16.06
CA GLU A 178 3.77 -15.58 15.71
C GLU A 178 2.82 -15.33 14.55
N LEU A 179 2.81 -16.27 13.60
CA LEU A 179 1.97 -16.14 12.44
C LEU A 179 0.69 -16.93 12.55
N LYS A 180 0.37 -17.41 13.74
CA LYS A 180 -0.84 -18.20 13.92
C LYS A 180 -2.05 -17.31 13.63
N GLY A 181 -2.89 -17.73 12.69
CA GLY A 181 -4.06 -16.95 12.31
C GLY A 181 -3.76 -15.86 11.27
N TYR A 182 -2.54 -15.88 10.74
CA TYR A 182 -2.09 -14.89 9.76
C TYR A 182 -1.32 -15.59 8.66
N GLU A 183 -0.99 -14.84 7.62
CA GLU A 183 -0.17 -15.38 6.55
C GLU A 183 0.78 -14.25 6.22
N CYS A 184 1.90 -14.55 5.59
CA CYS A 184 2.85 -13.51 5.25
C CYS A 184 3.31 -13.68 3.82
N HIS A 185 2.99 -12.70 2.97
CA HIS A 185 3.37 -12.77 1.55
C HIS A 185 4.46 -11.80 1.15
N VAL A 186 4.81 -10.90 2.05
CA VAL A 186 5.85 -9.94 1.76
C VAL A 186 6.65 -9.54 3.01
N ALA A 187 7.96 -9.36 2.83
CA ALA A 187 8.83 -8.97 3.92
C ALA A 187 9.66 -7.76 3.46
N LEU A 188 10.28 -7.08 4.41
CA LEU A 188 11.04 -5.89 4.06
C LEU A 188 12.33 -5.81 4.84
N ALA A 189 13.46 -5.95 4.15
CA ALA A 189 14.76 -5.79 4.79
C ALA A 189 15.11 -4.28 4.82
N ILE A 190 15.63 -3.79 5.94
CA ILE A 190 16.05 -2.39 6.06
C ILE A 190 17.49 -2.34 6.58
N GLY A 191 18.21 -1.28 6.23
CA GLY A 191 19.59 -1.15 6.67
C GLY A 191 20.25 -0.07 5.85
N TYR A 192 21.54 -0.24 5.60
CA TYR A 192 22.30 0.71 4.84
C TYR A 192 23.01 -0.05 3.74
N HIS A 193 22.88 0.44 2.52
CA HIS A 193 23.47 -0.24 1.38
C HIS A 193 24.98 -0.30 1.41
N HIS A 194 25.50 -1.32 0.75
CA HIS A 194 26.93 -1.53 0.68
C HIS A 194 27.45 -0.44 -0.22
N PRO A 195 28.45 0.34 0.25
CA PRO A 195 29.04 1.44 -0.52
C PRO A 195 29.58 1.10 -1.91
N SER A 196 30.12 -0.09 -2.10
CA SER A 196 30.67 -0.42 -3.40
C SER A 196 30.02 -1.58 -4.16
N GLU A 197 29.46 -2.55 -3.44
CA GLU A 197 28.83 -3.71 -4.09
C GLU A 197 27.33 -3.63 -4.39
N ASP A 198 26.65 -2.56 -3.98
CA ASP A 198 25.23 -2.45 -4.29
C ASP A 198 25.12 -1.81 -5.65
N TYR A 199 25.00 -2.65 -6.68
CA TYR A 199 24.91 -2.20 -8.08
C TYR A 199 23.69 -1.33 -8.43
N ASN A 200 22.61 -1.53 -7.69
CA ASN A 200 21.40 -0.80 -7.97
C ASN A 200 21.43 0.63 -7.50
N ALA A 201 22.38 0.96 -6.63
CA ALA A 201 22.49 2.30 -6.08
C ALA A 201 22.86 3.34 -7.13
N SER A 202 23.51 2.88 -8.19
CA SER A 202 23.92 3.79 -9.25
C SER A 202 23.23 3.57 -10.61
N LEU A 203 22.11 2.86 -10.64
CA LEU A 203 21.36 2.64 -11.88
C LEU A 203 20.19 3.59 -11.83
N PRO A 204 19.84 4.21 -12.96
CA PRO A 204 18.71 5.13 -12.94
C PRO A 204 17.39 4.40 -12.72
N LYS A 205 16.44 5.10 -12.12
CA LYS A 205 15.10 4.55 -11.86
C LYS A 205 14.33 4.61 -13.18
N SER A 206 13.46 3.63 -13.40
CA SER A 206 12.68 3.59 -14.63
C SER A 206 11.21 3.29 -14.36
N ARG A 207 10.33 4.15 -14.85
CA ARG A 207 8.91 3.97 -14.69
C ARG A 207 8.28 4.22 -16.06
N LYS A 208 7.03 3.80 -16.20
CA LYS A 208 6.26 3.99 -17.43
C LYS A 208 5.97 5.47 -17.62
N ALA A 209 5.82 5.87 -18.87
CA ALA A 209 5.53 7.26 -19.21
C ALA A 209 4.26 7.67 -18.51
N PHE A 210 4.20 8.94 -18.12
CA PHE A 210 3.05 9.49 -17.44
C PHE A 210 1.75 9.13 -18.18
N GLU A 211 1.74 9.31 -19.50
CA GLU A 211 0.54 9.02 -20.30
C GLU A 211 0.12 7.54 -20.34
N ASP A 212 1.06 6.63 -20.06
CA ASP A 212 0.77 5.20 -20.03
C ASP A 212 0.08 4.74 -18.73
N VAL A 213 0.23 5.48 -17.64
CA VAL A 213 -0.36 5.07 -16.36
C VAL A 213 -1.40 6.00 -15.80
N ILE A 214 -1.41 7.25 -16.26
CA ILE A 214 -2.36 8.24 -15.75
C ILE A 214 -3.29 8.77 -16.85
N THR A 215 -4.59 8.80 -16.56
CA THR A 215 -5.57 9.29 -17.51
C THR A 215 -6.36 10.33 -16.78
N ILE A 216 -6.52 11.50 -17.41
CA ILE A 216 -7.31 12.57 -16.80
C ILE A 216 -8.61 12.81 -17.59
N LEU A 217 -9.74 12.67 -16.89
CA LEU A 217 -11.06 12.85 -17.49
C LEU A 217 -11.80 14.10 -17.02
N THR B 1 6.95 17.74 17.71
CA THR B 1 6.68 16.35 17.23
C THR B 1 7.55 16.05 16.01
N HIS B 2 7.98 14.80 15.89
CA HIS B 2 8.78 14.38 14.73
C HIS B 2 7.91 14.65 13.49
N PRO B 3 8.48 15.25 12.43
CA PRO B 3 7.72 15.56 11.20
C PRO B 3 6.91 14.38 10.62
N ILE B 4 7.48 13.19 10.57
CA ILE B 4 6.76 12.05 10.02
C ILE B 4 5.54 11.65 10.85
N ILE B 5 5.72 11.53 12.16
CA ILE B 5 4.63 11.18 13.06
C ILE B 5 3.54 12.24 13.03
N HIS B 6 3.93 13.51 12.99
CA HIS B 6 2.98 14.60 12.94
C HIS B 6 2.06 14.48 11.73
N ASP B 7 2.65 14.16 10.57
CA ASP B 7 1.89 14.01 9.32
C ASP B 7 0.89 12.86 9.42
N LEU B 8 1.37 11.72 9.88
CA LEU B 8 0.52 10.55 10.01
C LEU B 8 -0.51 10.62 11.14
N GLU B 9 -0.26 11.45 12.14
CA GLU B 9 -1.24 11.63 13.22
C GLU B 9 -2.26 12.68 12.78
N ASN B 10 -1.85 13.62 11.93
CA ASN B 10 -2.80 14.63 11.53
C ASN B 10 -3.67 14.35 10.33
N ARG B 11 -3.29 13.35 9.53
CA ARG B 11 -4.11 12.96 8.38
C ARG B 11 -5.26 12.10 8.94
N TYR B 12 -6.42 12.16 8.28
CA TYR B 12 -7.60 11.39 8.70
C TYR B 12 -8.55 11.24 7.51
N THR B 13 -9.62 10.47 7.70
CA THR B 13 -10.61 10.26 6.64
C THR B 13 -11.69 11.35 6.73
N SER B 14 -11.68 12.26 5.76
CA SER B 14 -12.65 13.34 5.73
C SER B 14 -14.02 12.76 5.45
N LYS B 15 -15.03 13.27 6.15
CA LYS B 15 -16.42 12.82 6.02
C LYS B 15 -17.36 13.87 5.40
N LYS B 16 -16.81 14.97 4.91
CA LYS B 16 -17.57 16.05 4.30
C LYS B 16 -16.62 17.09 3.69
N TYR B 17 -16.82 17.42 2.42
CA TYR B 17 -15.99 18.38 1.72
C TYR B 17 -16.58 19.76 1.54
N ASP B 18 -15.67 20.71 1.29
CA ASP B 18 -15.99 22.10 1.04
C ASP B 18 -15.97 22.20 -0.50
N PRO B 19 -17.17 22.31 -1.13
CA PRO B 19 -17.28 22.41 -2.60
C PRO B 19 -16.67 23.63 -3.32
N SER B 20 -16.19 24.63 -2.56
CA SER B 20 -15.58 25.83 -3.16
C SER B 20 -14.04 25.89 -3.12
N LYS B 21 -13.42 24.81 -2.66
CA LYS B 21 -11.96 24.71 -2.58
C LYS B 21 -11.50 23.58 -3.48
N LYS B 22 -10.59 23.87 -4.39
CA LYS B 22 -10.04 22.84 -5.28
C LYS B 22 -8.55 22.70 -5.05
N VAL B 23 -8.01 21.54 -5.44
CA VAL B 23 -6.60 21.24 -5.33
C VAL B 23 -5.94 21.96 -6.50
N SER B 24 -4.84 22.67 -6.24
CA SER B 24 -4.12 23.39 -7.28
C SER B 24 -3.48 22.43 -8.25
N GLN B 25 -3.21 22.90 -9.46
CA GLN B 25 -2.61 22.04 -10.45
C GLN B 25 -1.17 21.71 -10.09
N GLU B 26 -0.54 22.59 -9.31
CA GLU B 26 0.84 22.36 -8.86
C GLU B 26 0.88 21.15 -7.90
N ASP B 27 -0.05 21.11 -6.94
CA ASP B 27 -0.13 20.01 -5.97
C ASP B 27 -0.60 18.71 -6.64
N LEU B 28 -1.53 18.82 -7.59
CA LEU B 28 -2.03 17.64 -8.31
C LEU B 28 -0.91 16.95 -9.08
N ALA B 29 -0.03 17.72 -9.72
CA ALA B 29 1.09 17.16 -10.47
C ALA B 29 2.11 16.44 -9.56
N VAL B 30 2.31 16.94 -8.35
CA VAL B 30 3.25 16.32 -7.41
C VAL B 30 2.68 14.96 -6.98
N LEU B 31 1.39 14.93 -6.68
CA LEU B 31 0.70 13.70 -6.30
C LEU B 31 0.70 12.63 -7.42
N LEU B 32 0.47 13.05 -8.66
CA LEU B 32 0.43 12.12 -9.80
C LEU B 32 1.80 11.55 -10.09
N GLU B 33 2.81 12.38 -9.96
CA GLU B 33 4.18 11.93 -10.18
C GLU B 33 4.60 10.97 -9.04
N ALA B 34 4.15 11.27 -7.82
CA ALA B 34 4.43 10.42 -6.65
C ALA B 34 3.80 9.03 -6.88
N LEU B 35 2.58 9.00 -7.43
CA LEU B 35 1.92 7.73 -7.74
C LEU B 35 2.71 6.97 -8.80
N ARG B 36 3.19 7.70 -9.82
CA ARG B 36 3.94 7.08 -10.90
C ARG B 36 5.26 6.45 -10.39
N LEU B 37 5.87 7.07 -9.38
CA LEU B 37 7.13 6.58 -8.83
C LEU B 37 6.99 5.43 -7.84
N SER B 38 5.76 5.01 -7.56
CA SER B 38 5.49 3.88 -6.65
C SER B 38 6.20 2.60 -7.07
N ALA B 39 6.66 1.84 -6.08
CA ALA B 39 7.35 0.57 -6.31
C ALA B 39 6.37 -0.58 -6.53
N SER B 40 6.78 -1.61 -7.26
CA SER B 40 5.91 -2.76 -7.50
C SER B 40 6.78 -3.94 -7.83
N SER B 41 6.25 -5.16 -7.68
CA SER B 41 6.99 -6.38 -7.96
C SER B 41 7.49 -6.34 -9.38
N ILE B 42 8.75 -6.71 -9.57
CA ILE B 42 9.44 -6.68 -10.85
C ILE B 42 9.28 -5.41 -11.70
N ASN B 43 8.87 -4.31 -11.05
CA ASN B 43 8.64 -3.01 -11.69
C ASN B 43 7.54 -3.19 -12.74
N SER B 44 6.60 -4.08 -12.42
CA SER B 44 5.49 -4.40 -13.31
C SER B 44 4.53 -3.25 -13.51
N GLN B 45 4.35 -2.43 -12.48
CA GLN B 45 3.44 -1.28 -12.54
C GLN B 45 2.13 -1.72 -13.22
N PRO B 46 1.48 -2.77 -12.69
CA PRO B 46 0.22 -3.31 -13.23
C PRO B 46 -0.98 -2.47 -12.84
N TRP B 47 -0.88 -1.17 -13.10
CA TRP B 47 -1.93 -0.29 -12.68
C TRP B 47 -2.20 0.84 -13.64
N LYS B 48 -3.25 1.59 -13.33
CA LYS B 48 -3.63 2.75 -14.10
C LYS B 48 -4.33 3.62 -13.08
N PHE B 49 -4.08 4.91 -13.13
CA PHE B 49 -4.71 5.85 -12.23
C PHE B 49 -5.56 6.79 -13.05
N ILE B 50 -6.88 6.70 -12.86
CA ILE B 50 -7.83 7.53 -13.58
C ILE B 50 -8.28 8.70 -12.71
N VAL B 51 -7.94 9.91 -13.13
CA VAL B 51 -8.29 11.13 -12.40
C VAL B 51 -9.61 11.70 -12.92
N ILE B 52 -10.60 11.78 -12.05
CA ILE B 52 -11.90 12.30 -12.39
C ILE B 52 -11.84 13.77 -12.06
N GLU B 53 -11.66 14.61 -13.06
CA GLU B 53 -11.54 16.04 -12.84
C GLU B 53 -12.65 16.93 -13.37
N SER B 54 -13.03 16.75 -14.63
CA SER B 54 -14.09 17.55 -15.22
C SER B 54 -15.47 17.31 -14.61
N ASP B 55 -16.37 18.27 -14.80
CA ASP B 55 -17.75 18.14 -14.31
C ASP B 55 -18.45 16.96 -14.96
N ALA B 56 -18.10 16.68 -16.21
CA ALA B 56 -18.68 15.59 -16.96
C ALA B 56 -18.25 14.26 -16.36
N ALA B 57 -16.97 14.17 -15.99
CA ALA B 57 -16.44 12.97 -15.37
C ALA B 57 -17.03 12.80 -13.98
N LYS B 58 -17.19 13.89 -13.24
CA LYS B 58 -17.77 13.85 -11.90
C LYS B 58 -19.19 13.29 -11.95
N GLN B 59 -19.92 13.66 -13.01
CA GLN B 59 -21.29 13.19 -13.18
C GLN B 59 -21.30 11.68 -13.37
N ARG B 60 -20.43 11.18 -14.24
CA ARG B 60 -20.29 9.76 -14.51
C ARG B 60 -19.92 9.01 -13.23
N MET B 61 -19.02 9.58 -12.43
CA MET B 61 -18.60 8.95 -11.16
C MET B 61 -19.77 8.97 -10.19
N HIS B 62 -20.49 10.08 -10.18
CA HIS B 62 -21.64 10.24 -9.32
C HIS B 62 -22.69 9.17 -9.62
N ASP B 63 -22.82 8.83 -10.91
CA ASP B 63 -23.80 7.84 -11.35
C ASP B 63 -23.47 6.41 -10.99
N SER B 64 -22.20 6.13 -10.68
CA SER B 64 -21.81 4.76 -10.32
C SER B 64 -22.27 4.31 -8.93
N PHE B 65 -22.95 5.21 -8.21
CA PHE B 65 -23.45 4.90 -6.87
C PHE B 65 -24.94 4.68 -6.86
N ALA B 66 -25.52 4.49 -8.05
CA ALA B 66 -26.95 4.30 -8.20
C ALA B 66 -27.51 3.05 -7.53
N ASN B 67 -26.73 1.98 -7.48
CA ASN B 67 -27.15 0.71 -6.89
C ASN B 67 -26.67 0.42 -5.45
N MET B 68 -25.45 0.82 -5.11
CA MET B 68 -24.90 0.55 -3.77
C MET B 68 -23.95 1.60 -3.25
N HIS B 69 -23.73 1.54 -1.93
CA HIS B 69 -22.82 2.41 -1.17
C HIS B 69 -23.00 3.88 -1.41
N GLN B 70 -24.22 4.34 -1.24
CA GLN B 70 -24.55 5.74 -1.46
C GLN B 70 -24.10 6.68 -0.37
N PHE B 71 -23.55 6.14 0.72
CA PHE B 71 -23.05 6.99 1.83
C PHE B 71 -21.77 7.72 1.35
N ASN B 72 -21.14 7.17 0.31
CA ASN B 72 -19.94 7.74 -0.28
C ASN B 72 -20.27 8.69 -1.44
N GLN B 73 -21.52 8.67 -1.91
CA GLN B 73 -21.91 9.49 -3.04
C GLN B 73 -21.78 11.00 -2.96
N PRO B 74 -22.17 11.61 -1.82
CA PRO B 74 -22.09 13.07 -1.68
C PRO B 74 -20.72 13.68 -1.90
N HIS B 75 -19.67 12.89 -1.68
CA HIS B 75 -18.29 13.35 -1.82
C HIS B 75 -17.84 13.62 -3.24
N ILE B 76 -18.39 12.84 -4.18
CA ILE B 76 -18.01 12.94 -5.59
C ILE B 76 -18.07 14.36 -6.17
N LYS B 77 -19.22 15.02 -6.03
CA LYS B 77 -19.36 16.36 -6.56
C LYS B 77 -18.81 17.46 -5.66
N ALA B 78 -18.78 17.20 -4.36
CA ALA B 78 -18.27 18.16 -3.36
C ALA B 78 -16.75 18.29 -3.29
N CYS B 79 -16.04 17.18 -3.49
CA CYS B 79 -14.58 17.17 -3.43
C CYS B 79 -13.97 17.78 -4.67
N SER B 80 -12.64 17.89 -4.68
CA SER B 80 -11.88 18.45 -5.80
C SER B 80 -11.71 17.44 -6.96
N HIS B 81 -11.06 16.31 -6.70
CA HIS B 81 -10.84 15.29 -7.73
C HIS B 81 -11.06 13.92 -7.08
N VAL B 82 -11.32 12.90 -7.90
CA VAL B 82 -11.47 11.53 -7.43
C VAL B 82 -10.46 10.76 -8.26
N ILE B 83 -9.71 9.86 -7.63
CA ILE B 83 -8.72 9.08 -8.35
C ILE B 83 -9.13 7.61 -8.21
N LEU B 84 -9.18 6.90 -9.33
CA LEU B 84 -9.56 5.50 -9.33
C LEU B 84 -8.25 4.75 -9.40
N PHE B 85 -8.07 3.75 -8.53
CA PHE B 85 -6.86 2.94 -8.53
C PHE B 85 -7.25 1.63 -9.22
N ALA B 86 -6.83 1.49 -10.47
CA ALA B 86 -7.17 0.31 -11.27
C ALA B 86 -6.01 -0.66 -11.35
N ASN B 87 -6.33 -1.94 -11.25
CA ASN B 87 -5.33 -2.99 -11.34
C ASN B 87 -5.66 -3.88 -12.56
N LYS B 88 -4.63 -4.30 -13.27
CA LYS B 88 -4.80 -5.09 -14.46
C LYS B 88 -5.29 -6.52 -14.20
N LEU B 89 -6.24 -6.94 -15.03
CA LEU B 89 -6.82 -8.27 -14.90
C LEU B 89 -5.83 -9.40 -15.14
N SER B 90 -5.04 -9.27 -16.20
CA SER B 90 -4.02 -10.27 -16.48
C SER B 90 -2.77 -9.55 -16.98
N TYR B 91 -1.61 -10.03 -16.54
CA TYR B 91 -0.33 -9.44 -16.90
C TYR B 91 0.47 -10.39 -17.78
N THR B 92 0.75 -9.99 -19.01
CA THR B 92 1.47 -10.84 -19.94
C THR B 92 2.92 -10.39 -20.20
N ARG B 93 3.65 -11.21 -20.96
CA ARG B 93 5.04 -10.89 -21.27
C ARG B 93 5.09 -9.67 -22.15
N ASP B 94 3.98 -9.44 -22.87
CA ASP B 94 3.87 -8.27 -23.74
C ASP B 94 3.70 -7.05 -22.88
N ASP B 95 3.04 -7.24 -21.73
CA ASP B 95 2.87 -6.15 -20.79
C ASP B 95 4.26 -5.87 -20.17
N TYR B 96 4.99 -6.93 -19.83
CA TYR B 96 6.32 -6.79 -19.23
C TYR B 96 7.35 -6.23 -20.20
N ASP B 97 7.12 -6.51 -21.47
CA ASP B 97 8.00 -6.04 -22.54
C ASP B 97 8.02 -4.51 -22.58
N VAL B 98 6.86 -3.91 -22.29
CA VAL B 98 6.75 -2.46 -22.25
C VAL B 98 7.70 -1.91 -21.16
N VAL B 99 7.79 -2.64 -20.04
CA VAL B 99 8.64 -2.28 -18.92
C VAL B 99 10.12 -2.43 -19.26
N LEU B 100 10.50 -3.62 -19.73
CA LEU B 100 11.88 -3.88 -20.10
C LEU B 100 12.41 -2.96 -21.23
N SER B 101 11.54 -2.61 -22.18
CA SER B 101 11.91 -1.73 -23.29
C SER B 101 12.23 -0.34 -22.77
N LYS B 102 11.44 0.13 -21.82
CA LYS B 102 11.65 1.44 -21.21
C LYS B 102 12.92 1.41 -20.36
N ALA B 103 13.22 0.26 -19.75
CA ALA B 103 14.43 0.13 -18.93
C ALA B 103 15.67 0.19 -19.81
N VAL B 104 15.60 -0.39 -21.00
CA VAL B 104 16.72 -0.35 -21.93
C VAL B 104 16.94 1.09 -22.37
N ALA B 105 15.84 1.79 -22.64
CA ALA B 105 15.90 3.18 -23.07
C ALA B 105 16.46 4.08 -21.97
N ASP B 106 16.06 3.79 -20.73
CA ASP B 106 16.49 4.58 -19.57
C ASP B 106 17.90 4.24 -19.08
N LYS B 107 18.49 3.23 -19.70
CA LYS B 107 19.85 2.79 -19.40
C LYS B 107 20.07 1.98 -18.13
N ARG B 108 19.04 1.25 -17.70
CA ARG B 108 19.11 0.35 -16.51
C ARG B 108 19.72 -0.97 -16.98
N ILE B 109 19.29 -1.40 -18.16
CA ILE B 109 19.78 -2.63 -18.80
C ILE B 109 19.96 -2.35 -20.28
N THR B 110 20.74 -3.20 -20.91
CA THR B 110 20.96 -3.11 -22.34
C THR B 110 20.30 -4.40 -22.83
N GLU B 111 20.14 -4.53 -24.13
CA GLU B 111 19.52 -5.73 -24.70
C GLU B 111 20.16 -7.04 -24.19
N GLU B 112 21.44 -6.94 -23.80
CA GLU B 112 22.18 -8.08 -23.28
C GLU B 112 21.49 -8.58 -22.02
N GLN B 113 21.46 -7.73 -20.98
CA GLN B 113 20.83 -8.09 -19.72
C GLN B 113 19.33 -8.16 -19.90
N LYS B 114 18.86 -7.73 -21.07
CA LYS B 114 17.43 -7.70 -21.37
C LYS B 114 16.77 -9.06 -21.47
N GLU B 115 17.18 -9.85 -22.45
CA GLU B 115 16.60 -11.18 -22.61
C GLU B 115 16.75 -11.94 -21.30
N ALA B 116 17.85 -11.67 -20.61
CA ALA B 116 18.10 -12.31 -19.32
C ALA B 116 17.14 -11.72 -18.28
N ALA B 117 16.81 -10.44 -18.44
CA ALA B 117 15.91 -9.74 -17.53
C ALA B 117 14.48 -10.21 -17.71
N PHE B 118 14.17 -10.76 -18.88
CA PHE B 118 12.82 -11.24 -19.13
C PHE B 118 12.53 -12.39 -18.19
N ALA B 119 13.58 -12.96 -17.62
CA ALA B 119 13.47 -14.07 -16.69
C ALA B 119 12.72 -13.68 -15.43
N SER B 120 12.81 -12.40 -15.04
CA SER B 120 12.14 -11.89 -13.85
C SER B 120 10.65 -12.18 -13.96
N PHE B 121 10.19 -12.35 -15.19
CA PHE B 121 8.79 -12.63 -15.47
C PHE B 121 8.22 -13.91 -14.88
N LYS B 122 9.08 -14.87 -14.55
CA LYS B 122 8.60 -16.12 -13.94
C LYS B 122 7.88 -15.88 -12.62
N PHE B 123 8.22 -14.77 -11.97
CA PHE B 123 7.63 -14.34 -10.70
C PHE B 123 6.17 -13.91 -10.88
N VAL B 124 5.79 -13.63 -12.13
CA VAL B 124 4.43 -13.26 -12.50
C VAL B 124 3.68 -14.53 -12.83
N GLU B 125 4.30 -15.37 -13.66
CA GLU B 125 3.75 -16.66 -14.09
C GLU B 125 3.31 -17.48 -12.86
N LEU B 126 4.08 -17.37 -11.79
CA LEU B 126 3.83 -18.07 -10.54
C LEU B 126 2.51 -17.66 -9.86
N ASN B 127 2.15 -16.39 -10.02
CA ASN B 127 0.93 -15.84 -9.44
C ASN B 127 -0.16 -15.71 -10.52
N CYS B 128 -1.32 -16.35 -10.30
CA CYS B 128 -2.42 -16.32 -11.27
C CYS B 128 -3.76 -16.83 -10.69
N ASP B 129 -4.78 -16.92 -11.54
CA ASP B 129 -6.10 -17.42 -11.16
C ASP B 129 -6.35 -18.75 -11.86
N GLU B 130 -7.30 -19.52 -11.34
CA GLU B 130 -7.67 -20.81 -11.91
C GLU B 130 -8.14 -20.60 -13.35
N ASN B 131 -8.73 -19.42 -13.57
CA ASN B 131 -9.23 -19.04 -14.89
C ASN B 131 -8.11 -18.41 -15.72
N GLY B 132 -7.14 -17.78 -15.04
CA GLY B 132 -6.01 -17.17 -15.74
C GLY B 132 -5.73 -15.72 -15.43
N GLU B 133 -6.39 -15.17 -14.41
CA GLU B 133 -6.18 -13.76 -14.03
C GLU B 133 -5.07 -13.56 -12.98
N HIS B 134 -4.26 -12.51 -13.16
CA HIS B 134 -3.21 -12.22 -12.21
C HIS B 134 -3.72 -11.19 -11.22
N LYS B 135 -5.00 -10.84 -11.32
CA LYS B 135 -5.59 -9.83 -10.45
C LYS B 135 -5.43 -10.02 -8.93
N ALA B 136 -5.16 -11.24 -8.50
CA ALA B 136 -4.97 -11.52 -7.07
C ALA B 136 -3.61 -11.01 -6.61
N TRP B 137 -2.72 -10.85 -7.59
CA TRP B 137 -1.36 -10.36 -7.43
C TRP B 137 -1.23 -8.86 -7.80
N THR B 138 -2.06 -8.39 -8.73
CA THR B 138 -1.99 -6.98 -9.15
C THR B 138 -2.74 -6.02 -8.23
N LYS B 139 -3.85 -6.48 -7.66
CA LYS B 139 -4.62 -5.64 -6.74
C LYS B 139 -3.76 -5.16 -5.57
N PRO B 140 -2.95 -6.05 -4.95
CA PRO B 140 -2.10 -5.63 -3.82
C PRO B 140 -1.08 -4.54 -4.20
N GLN B 141 -0.57 -4.57 -5.45
CA GLN B 141 0.39 -3.58 -5.95
C GLN B 141 -0.26 -2.20 -5.98
N ALA B 142 -1.54 -2.18 -6.37
CA ALA B 142 -2.32 -0.95 -6.43
C ALA B 142 -2.55 -0.37 -5.02
N TYR B 143 -2.72 -1.25 -4.04
CA TYR B 143 -2.92 -0.82 -2.65
C TYR B 143 -1.63 -0.22 -2.08
N LEU B 144 -0.49 -0.68 -2.60
CA LEU B 144 0.80 -0.16 -2.21
C LEU B 144 0.87 1.28 -2.70
N ALA B 145 0.46 1.50 -3.96
CA ALA B 145 0.44 2.84 -4.55
C ALA B 145 -0.50 3.73 -3.74
N LEU B 146 -1.62 3.19 -3.28
CA LEU B 146 -2.56 3.92 -2.44
C LEU B 146 -1.93 4.33 -1.09
N GLY B 147 -1.15 3.41 -0.50
CA GLY B 147 -0.48 3.70 0.78
C GLY B 147 0.51 4.83 0.59
N ASN B 148 1.16 4.83 -0.58
CA ASN B 148 2.11 5.86 -0.96
C ASN B 148 1.35 7.19 -1.13
N ALA B 149 0.19 7.15 -1.80
CA ALA B 149 -0.60 8.35 -2.04
C ALA B 149 -1.09 9.03 -0.76
N LEU B 150 -1.51 8.22 0.20
CA LEU B 150 -2.01 8.75 1.48
C LEU B 150 -0.93 9.47 2.27
N HIS B 151 0.28 8.93 2.24
CA HIS B 151 1.41 9.55 2.93
C HIS B 151 1.74 10.86 2.19
N THR B 152 1.71 10.82 0.86
CA THR B 152 1.97 11.99 0.03
C THR B 152 0.98 13.12 0.32
N LEU B 153 -0.29 12.77 0.46
CA LEU B 153 -1.34 13.76 0.73
C LEU B 153 -1.19 14.38 2.12
N ALA B 154 -0.70 13.59 3.06
CA ALA B 154 -0.50 14.09 4.41
C ALA B 154 0.61 15.15 4.37
N ARG B 155 1.62 14.96 3.52
CA ARG B 155 2.71 15.92 3.38
C ARG B 155 2.31 17.21 2.69
N LEU B 156 1.32 17.12 1.78
CA LEU B 156 0.82 18.28 1.02
C LEU B 156 -0.29 19.02 1.74
N ASN B 157 -0.79 18.43 2.83
CA ASN B 157 -1.86 19.01 3.63
C ASN B 157 -3.18 19.13 2.86
N ILE B 158 -3.50 18.05 2.13
CA ILE B 158 -4.72 17.96 1.35
C ILE B 158 -5.56 16.87 2.00
N ASP B 159 -6.86 17.13 2.19
CA ASP B 159 -7.78 16.14 2.78
C ASP B 159 -8.18 15.07 1.77
N SER B 160 -8.57 13.91 2.26
CA SER B 160 -8.95 12.82 1.36
C SER B 160 -9.86 11.79 2.02
N THR B 161 -10.49 10.96 1.19
CA THR B 161 -11.41 9.91 1.65
C THR B 161 -11.17 8.70 0.78
N THR B 162 -10.61 7.64 1.37
CA THR B 162 -10.37 6.39 0.65
C THR B 162 -11.74 5.72 0.56
N MET B 163 -12.05 5.10 -0.58
CA MET B 163 -13.35 4.47 -0.76
C MET B 163 -13.32 3.08 -1.37
N GLU B 164 -13.71 2.09 -0.58
CA GLU B 164 -13.82 0.73 -1.07
C GLU B 164 -15.32 0.50 -1.27
N GLY B 165 -16.13 1.42 -0.75
CA GLY B 165 -17.57 1.34 -0.89
C GLY B 165 -17.97 1.98 -2.20
N ILE B 166 -17.58 1.30 -3.28
CA ILE B 166 -17.83 1.69 -4.67
C ILE B 166 -18.41 0.46 -5.41
N ASP B 167 -18.85 0.66 -6.64
CA ASP B 167 -19.44 -0.41 -7.43
C ASP B 167 -18.54 -0.75 -8.61
N PRO B 168 -17.66 -1.76 -8.45
CA PRO B 168 -16.73 -2.18 -9.50
C PRO B 168 -17.35 -2.56 -10.85
N GLU B 169 -18.44 -3.33 -10.85
CA GLU B 169 -19.04 -3.74 -12.12
C GLU B 169 -19.67 -2.58 -12.87
N LEU B 170 -20.28 -1.65 -12.14
CA LEU B 170 -20.90 -0.47 -12.73
C LEU B 170 -19.83 0.51 -13.19
N LEU B 171 -18.68 0.52 -12.52
CA LEU B 171 -17.61 1.42 -12.89
C LEU B 171 -17.03 0.97 -14.19
N SER B 172 -16.93 -0.34 -14.37
CA SER B 172 -16.39 -0.88 -15.62
C SER B 172 -17.39 -0.71 -16.77
N GLU B 173 -18.66 -0.48 -16.44
CA GLU B 173 -19.70 -0.24 -17.43
C GLU B 173 -19.62 1.24 -17.85
N ILE B 174 -19.61 2.14 -16.86
CA ILE B 174 -19.52 3.60 -17.05
C ILE B 174 -18.19 4.08 -17.66
N PHE B 175 -17.08 3.56 -17.16
CA PHE B 175 -15.75 3.93 -17.64
C PHE B 175 -15.24 2.78 -18.47
N ALA B 176 -16.12 2.32 -19.34
CA ALA B 176 -15.90 1.18 -20.24
C ALA B 176 -14.57 1.10 -20.97
N ASP B 177 -14.19 2.17 -21.65
CA ASP B 177 -12.95 2.18 -22.42
C ASP B 177 -11.70 2.33 -21.55
N GLU B 178 -11.84 3.13 -20.50
CA GLU B 178 -10.75 3.44 -19.57
C GLU B 178 -10.32 2.27 -18.67
N LEU B 179 -11.28 1.50 -18.22
CA LEU B 179 -11.02 0.36 -17.37
C LEU B 179 -10.89 -0.95 -18.14
N LYS B 180 -10.68 -0.85 -19.45
CA LYS B 180 -10.56 -2.04 -20.29
C LYS B 180 -9.30 -2.81 -19.98
N GLY B 181 -9.47 -4.03 -19.48
CA GLY B 181 -8.35 -4.88 -19.11
C GLY B 181 -7.91 -4.65 -17.68
N TYR B 182 -8.73 -3.89 -16.94
CA TYR B 182 -8.44 -3.55 -15.54
C TYR B 182 -9.68 -3.68 -14.71
N GLU B 183 -9.53 -3.58 -13.40
CA GLU B 183 -10.67 -3.60 -12.51
C GLU B 183 -10.38 -2.50 -11.52
N CYS B 184 -11.40 -2.01 -10.81
CA CYS B 184 -11.16 -0.98 -9.83
C CYS B 184 -11.90 -1.30 -8.55
N HIS B 185 -11.17 -1.56 -7.47
CA HIS B 185 -11.75 -1.90 -6.15
C HIS B 185 -11.65 -0.79 -5.12
N VAL B 186 -10.95 0.27 -5.45
CA VAL B 186 -10.79 1.38 -4.51
C VAL B 186 -10.58 2.71 -5.21
N ALA B 187 -11.20 3.75 -4.68
CA ALA B 187 -11.10 5.10 -5.24
C ALA B 187 -10.69 6.06 -4.11
N LEU B 188 -10.26 7.25 -4.48
CA LEU B 188 -9.81 8.21 -3.48
C LEU B 188 -10.27 9.61 -3.79
N ALA B 189 -11.13 10.17 -2.94
CA ALA B 189 -11.58 11.53 -3.13
C ALA B 189 -10.56 12.43 -2.45
N ILE B 190 -10.21 13.58 -3.05
CA ILE B 190 -9.28 14.52 -2.44
C ILE B 190 -9.89 15.91 -2.51
N GLY B 191 -9.52 16.77 -1.58
CA GLY B 191 -10.05 18.12 -1.58
C GLY B 191 -9.75 18.76 -0.25
N TYR B 192 -10.65 19.62 0.21
CA TYR B 192 -10.51 20.31 1.48
C TYR B 192 -11.76 20.10 2.29
N HIS B 193 -11.62 19.64 3.52
CA HIS B 193 -12.77 19.33 4.36
C HIS B 193 -13.63 20.54 4.66
N HIS B 194 -14.89 20.27 4.99
CA HIS B 194 -15.85 21.33 5.34
C HIS B 194 -15.46 21.83 6.74
N PRO B 195 -15.27 23.15 6.88
CA PRO B 195 -14.88 23.78 8.15
C PRO B 195 -15.77 23.43 9.35
N SER B 196 -17.07 23.30 9.12
CA SER B 196 -17.96 22.99 10.23
C SER B 196 -18.61 21.58 10.26
N GLU B 197 -19.08 21.08 9.12
CA GLU B 197 -19.75 19.79 9.11
C GLU B 197 -18.97 18.49 9.01
N ASP B 198 -17.65 18.55 8.80
CA ASP B 198 -16.88 17.32 8.75
C ASP B 198 -16.61 16.97 10.23
N TYR B 199 -17.42 16.06 10.76
CA TYR B 199 -17.34 15.64 12.17
C TYR B 199 -16.10 14.81 12.53
N ASN B 200 -15.51 14.17 11.52
CA ASN B 200 -14.34 13.35 11.76
C ASN B 200 -13.10 14.19 11.98
N ALA B 201 -13.13 15.44 11.53
CA ALA B 201 -11.99 16.34 11.68
C ALA B 201 -11.61 16.64 13.13
N SER B 202 -12.58 16.49 14.03
CA SER B 202 -12.33 16.75 15.44
C SER B 202 -12.47 15.52 16.36
N LEU B 203 -12.44 14.31 15.79
CA LEU B 203 -12.51 13.09 16.59
C LEU B 203 -11.08 12.56 16.68
N PRO B 204 -10.68 12.05 17.85
CA PRO B 204 -9.31 11.54 17.94
C PRO B 204 -9.13 10.26 17.13
N LYS B 205 -7.92 10.08 16.64
CA LYS B 205 -7.57 8.89 15.85
C LYS B 205 -7.44 7.72 16.82
N SER B 206 -7.74 6.51 16.36
CA SER B 206 -7.65 5.34 17.22
C SER B 206 -7.01 4.17 16.50
N ARG B 207 -5.97 3.60 17.09
CA ARG B 207 -5.29 2.44 16.53
C ARG B 207 -5.06 1.46 17.67
N LYS B 208 -4.80 0.21 17.32
CA LYS B 208 -4.54 -0.84 18.29
C LYS B 208 -3.23 -0.53 18.99
N ALA B 209 -3.11 -1.02 20.22
CA ALA B 209 -1.91 -0.82 21.03
C ALA B 209 -0.72 -1.40 20.30
N PHE B 210 0.42 -0.74 20.45
CA PHE B 210 1.66 -1.17 19.84
C PHE B 210 1.90 -2.66 20.04
N GLU B 211 1.67 -3.16 21.26
CA GLU B 211 1.90 -4.58 21.51
C GLU B 211 0.94 -5.52 20.81
N ASP B 212 -0.20 -5.00 20.39
CA ASP B 212 -1.19 -5.81 19.69
C ASP B 212 -0.86 -6.01 18.21
N VAL B 213 -0.10 -5.10 17.62
CA VAL B 213 0.23 -5.19 16.19
C VAL B 213 1.69 -5.40 15.85
N ILE B 214 2.59 -5.12 16.79
CA ILE B 214 4.02 -5.25 16.52
C ILE B 214 4.66 -6.23 17.49
N THR B 215 5.47 -7.13 16.94
CA THR B 215 6.17 -8.13 17.73
C THR B 215 7.62 -8.01 17.37
N ILE B 216 8.49 -7.96 18.39
CA ILE B 216 9.93 -7.87 18.13
C ILE B 216 10.63 -9.15 18.59
N LEU B 217 11.29 -9.81 17.64
CA LEU B 217 12.01 -11.05 17.90
C LEU B 217 13.53 -10.92 17.83
N1 FMN C . 13.24 -6.93 -5.14
C2 FMN C . 14.12 -7.89 -4.73
O2 FMN C . 15.30 -7.89 -5.06
N3 FMN C . 13.48 -9.04 -4.36
C4 FMN C . 12.11 -9.24 -4.19
O4 FMN C . 11.73 -10.36 -3.80
C4A FMN C . 11.30 -8.14 -4.58
N5 FMN C . 9.93 -8.24 -4.37
C5A FMN C . 9.13 -7.14 -4.47
C6 FMN C . 7.86 -7.17 -3.95
C7 FMN C . 7.07 -6.05 -4.00
C7M FMN C . 5.59 -6.05 -3.57
C8 FMN C . 7.60 -4.86 -4.47
C8M FMN C . 6.90 -3.55 -4.30
C9 FMN C . 8.89 -4.84 -4.92
C9A FMN C . 9.67 -5.95 -4.92
N10 FMN C . 11.03 -5.85 -5.22
C10 FMN C . 11.87 -6.91 -4.98
C1' FMN C . 11.63 -4.70 -5.67
C2' FMN C . 11.11 -4.20 -7.05
O2' FMN C . 11.83 -4.81 -8.09
C3' FMN C . 11.26 -2.67 -7.11
O3' FMN C . 10.48 -2.05 -6.08
C4' FMN C . 10.89 -2.13 -8.54
O4' FMN C . 11.82 -2.72 -9.52
C5' FMN C . 11.02 -0.63 -8.65
O5' FMN C . 12.38 -0.15 -8.34
P FMN C . 12.78 0.70 -6.98
O1P FMN C . 14.23 0.55 -7.19
O2P FMN C . 12.11 -0.11 -5.92
O3P FMN C . 12.10 1.95 -7.34
CA 2HC D . -16.00 1.86 5.22
C 2HC D . -15.18 2.65 6.29
O 2HC D . -15.82 3.49 6.91
OXT 2HC D . -13.99 2.33 6.36
CB 2HC D . -15.26 0.81 4.43
CG 2HC D . -15.99 -0.03 3.36
CD1 2HC D . -17.38 0.21 3.07
CE1 2HC D . -18.05 -0.53 2.11
CZ 2HC D . -17.42 -1.54 1.39
CE2 2HC D . -15.99 -1.84 1.64
CD2 2HC D . -15.27 -1.01 2.69
OH 2HC D . -13.89 -1.22 3.00
N1 FMN E . -14.04 5.57 4.61
C2 FMN E . -15.18 6.04 4.01
O2 FMN E . -15.88 6.86 4.59
N3 FMN E . -15.69 5.25 2.99
C4 FMN E . -15.08 4.13 2.47
O4 FMN E . -15.69 3.49 1.61
C4A FMN E . -13.80 3.80 3.12
N5 FMN E . -13.09 2.72 2.59
C5A FMN E . -11.81 2.43 2.98
C6 FMN E . -11.01 1.57 2.23
C7 FMN E . -9.69 1.39 2.55
C7M FMN E . -8.79 0.36 1.81
C8 FMN E . -9.14 2.12 3.60
C8M FMN E . -7.66 2.22 3.75
C9 FMN E . -9.92 3.03 4.27
C9A FMN E . -11.25 3.19 4.01
N10 FMN E . -11.97 4.25 4.59
C10 FMN E . -13.23 4.56 4.15
C1' FMN E . -11.53 4.98 5.65
C2' FMN E . -11.19 4.20 6.94
O2' FMN E . -12.36 4.15 7.73
C3' FMN E . -10.07 4.91 7.70
O3' FMN E . -8.88 4.92 6.91
C4' FMN E . -9.76 4.27 9.05
O4' FMN E . -10.91 4.39 9.88
C5' FMN E . -8.66 4.96 9.84
O5' FMN E . -8.96 6.35 10.10
P FMN E . -8.13 7.60 9.39
O1P FMN E . -9.10 8.60 9.86
O2P FMN E . -8.14 7.16 7.95
O3P FMN E . -6.84 7.38 10.09
CA 2HC F . 11.63 -9.75 -7.73
C 2HC F . 12.06 -8.30 -8.14
O 2HC F . 13.22 -8.18 -8.47
OXT 2HC F . 11.15 -7.47 -8.06
CB 2HC F . 10.19 -9.91 -7.34
CG 2HC F . 9.66 -11.27 -6.91
CD1 2HC F . 10.52 -12.39 -6.86
CE1 2HC F . 10.09 -13.61 -6.48
CZ 2HC F . 8.78 -13.82 -6.12
CE2 2HC F . 7.81 -12.72 -6.14
CD2 2HC F . 8.32 -11.37 -6.56
OH 2HC F . 7.45 -10.20 -6.63
#